data_6D8O
#
_entry.id   6D8O
#
_cell.length_a   74.250
_cell.length_b   129.490
_cell.length_c   146.130
_cell.angle_alpha   90.000
_cell.angle_beta   90.000
_cell.angle_gamma   90.000
#
_symmetry.space_group_name_H-M   'P 21 21 21'
#
loop_
_entity.id
_entity.type
_entity.pdbx_description
1 polymer 'Group I self-splicing intron'
2 non-polymer 'MAGNESIUM ION'
#
_entity_poly.entity_id   1
_entity_poly.type   'polyribonucleotide'
_entity_poly.pdbx_seq_one_letter_code
;GAAUUGCGGGAAAGGGGUCAACAGCCGUUCAGUACCAAGUCUCAGGGGAAACUUUGAGAUGGCCUUGCAAAGGGUAUGGU
AAUAAGCUGACGGACAUGGUCCUAACCACGCAGCCAAGUCCUAAGUCUACAGAUCUUCUGUUGAUAUGGAUGCAGUUC
;
_entity_poly.pdbx_strand_id   A,B
#